data_6YHX
#
_entry.id   6YHX
#
_entity_poly.entity_id   1
_entity_poly.type   'polypeptide(L)'
_entity_poly.pdbx_seq_one_letter_code
;SNKGAIIGLMVGGVVIATVTVITLVMLKKK
;
_entity_poly.pdbx_strand_id   A
#
# COMPACT_ATOMS: atom_id res chain seq x y z
N SER A 1 8.46 22.33 -3.94
CA SER A 1 9.00 22.29 -2.55
C SER A 1 10.12 21.25 -2.44
N ASN A 2 9.89 20.07 -2.99
CA ASN A 2 10.87 18.99 -2.94
C ASN A 2 10.51 17.86 -3.89
N LYS A 3 11.39 17.60 -4.85
CA LYS A 3 11.15 16.54 -5.83
C LYS A 3 11.35 15.17 -5.21
N GLY A 4 12.12 15.12 -4.12
CA GLY A 4 12.37 13.87 -3.44
C GLY A 4 11.25 13.48 -2.50
N ALA A 5 10.47 14.46 -2.07
CA ALA A 5 9.36 14.23 -1.16
C ALA A 5 8.44 13.12 -1.67
N ILE A 6 8.23 13.06 -2.98
CA ILE A 6 7.37 12.05 -3.57
C ILE A 6 8.07 10.69 -3.62
N ILE A 7 9.39 10.71 -3.71
CA ILE A 7 10.17 9.48 -3.76
C ILE A 7 9.98 8.66 -2.49
N GLY A 8 9.57 9.33 -1.42
CA GLY A 8 9.34 8.65 -0.16
C GLY A 8 7.97 8.01 -0.11
N LEU A 9 7.06 8.47 -0.97
CA LEU A 9 5.72 7.94 -1.02
C LEU A 9 5.64 6.73 -1.94
N MET A 10 6.79 6.35 -2.51
CA MET A 10 6.86 5.21 -3.41
C MET A 10 6.74 3.89 -2.65
N VAL A 11 7.57 3.74 -1.62
CA VAL A 11 7.56 2.52 -0.80
C VAL A 11 6.33 2.48 0.11
N GLY A 12 5.88 3.65 0.53
CA GLY A 12 4.72 3.72 1.41
C GLY A 12 3.42 3.67 0.65
N GLY A 13 3.48 3.87 -0.67
CA GLY A 13 2.28 3.84 -1.47
C GLY A 13 2.01 2.47 -2.07
N VAL A 14 3.03 1.64 -2.15
CA VAL A 14 2.88 0.30 -2.70
C VAL A 14 2.41 -0.70 -1.64
N VAL A 15 2.89 -0.52 -0.42
CA VAL A 15 2.53 -1.41 0.68
C VAL A 15 1.04 -1.29 1.00
N ILE A 16 0.56 -0.05 1.15
CA ILE A 16 -0.84 0.20 1.45
C ILE A 16 -1.74 -0.30 0.32
N ALA A 17 -1.18 -0.38 -0.88
CA ALA A 17 -1.92 -0.84 -2.05
C ALA A 17 -1.93 -2.37 -2.13
N THR A 18 -0.94 -2.99 -1.51
CA THR A 18 -0.83 -4.44 -1.51
C THR A 18 -1.74 -5.08 -0.47
N VAL A 19 -1.80 -4.47 0.72
CA VAL A 19 -2.63 -4.97 1.80
C VAL A 19 -4.12 -4.95 1.40
N THR A 20 -4.47 -3.98 0.56
CA THR A 20 -5.85 -3.85 0.10
C THR A 20 -6.26 -5.06 -0.75
N VAL A 21 -5.32 -5.56 -1.54
CA VAL A 21 -5.59 -6.71 -2.40
C VAL A 21 -5.77 -7.98 -1.57
N ILE A 22 -4.93 -8.14 -0.55
CA ILE A 22 -5.01 -9.31 0.32
C ILE A 22 -6.28 -9.30 1.14
N THR A 23 -6.73 -8.11 1.54
CA THR A 23 -7.95 -7.97 2.33
C THR A 23 -9.15 -8.52 1.57
N LEU A 24 -9.20 -8.25 0.27
CA LEU A 24 -10.30 -8.71 -0.57
C LEU A 24 -10.33 -10.23 -0.63
N VAL A 25 -9.15 -10.84 -0.55
CA VAL A 25 -9.05 -12.30 -0.60
C VAL A 25 -9.43 -12.91 0.75
N MET A 26 -9.21 -12.14 1.81
CA MET A 26 -9.53 -12.61 3.16
C MET A 26 -11.03 -12.90 3.28
N LEU A 27 -11.85 -11.91 2.93
CA LEU A 27 -13.29 -12.07 3.01
C LEU A 27 -13.79 -13.09 1.98
N LYS A 28 -12.97 -13.34 0.97
CA LYS A 28 -13.32 -14.29 -0.08
C LYS A 28 -13.24 -15.72 0.44
N LYS A 29 -12.59 -15.89 1.59
CA LYS A 29 -12.47 -17.21 2.21
C LYS A 29 -13.81 -17.65 2.77
N LYS A 30 -14.82 -16.81 2.57
CA LYS A 30 -16.18 -17.08 3.03
C LYS A 30 -16.58 -18.53 2.77
N SER A 1 5.43 24.00 -5.67
CA SER A 1 6.71 23.44 -6.16
C SER A 1 7.00 22.09 -5.51
N ASN A 2 6.91 21.03 -6.29
CA ASN A 2 7.16 19.69 -5.79
C ASN A 2 7.48 18.72 -6.94
N LYS A 3 8.58 18.00 -6.81
CA LYS A 3 8.99 17.05 -7.84
C LYS A 3 9.46 15.73 -7.21
N GLY A 4 10.51 15.81 -6.40
CA GLY A 4 11.04 14.63 -5.75
C GLY A 4 10.27 14.25 -4.50
N ALA A 5 9.57 15.23 -3.92
CA ALA A 5 8.79 15.01 -2.70
C ALA A 5 7.76 13.90 -2.88
N ILE A 6 7.26 13.75 -4.10
CA ILE A 6 6.26 12.72 -4.40
C ILE A 6 6.92 11.38 -4.71
N ILE A 7 8.14 11.42 -5.24
CA ILE A 7 8.86 10.19 -5.58
C ILE A 7 9.04 9.31 -4.36
N GLY A 8 9.09 9.93 -3.18
CA GLY A 8 9.23 9.19 -1.94
C GLY A 8 7.93 8.61 -1.45
N LEU A 9 6.82 9.16 -1.93
CA LEU A 9 5.50 8.68 -1.54
C LEU A 9 5.08 7.48 -2.36
N MET A 10 5.96 7.06 -3.27
CA MET A 10 5.70 5.91 -4.13
C MET A 10 5.75 4.61 -3.33
N VAL A 11 6.74 4.49 -2.46
CA VAL A 11 6.91 3.30 -1.64
C VAL A 11 5.80 3.18 -0.61
N GLY A 12 5.30 4.32 -0.14
CA GLY A 12 4.24 4.32 0.84
C GLY A 12 2.88 4.11 0.23
N GLY A 13 2.80 4.27 -1.09
CA GLY A 13 1.53 4.08 -1.78
C GLY A 13 1.34 2.65 -2.26
N VAL A 14 2.45 1.94 -2.44
CA VAL A 14 2.39 0.55 -2.89
C VAL A 14 2.22 -0.42 -1.73
N VAL A 15 2.82 -0.07 -0.58
CA VAL A 15 2.72 -0.91 0.60
C VAL A 15 1.29 -1.01 1.11
N ILE A 16 0.58 0.12 1.11
CA ILE A 16 -0.80 0.15 1.55
C ILE A 16 -1.74 -0.38 0.47
N ALA A 17 -1.28 -0.34 -0.77
CA ALA A 17 -2.07 -0.82 -1.90
C ALA A 17 -2.00 -2.34 -2.01
N THR A 18 -0.90 -2.91 -1.54
CA THR A 18 -0.70 -4.35 -1.58
C THR A 18 -1.61 -5.05 -0.58
N VAL A 19 -1.70 -4.50 0.62
CA VAL A 19 -2.53 -5.07 1.67
C VAL A 19 -4.01 -4.98 1.32
N THR A 20 -4.34 -3.98 0.49
CA THR A 20 -5.73 -3.77 0.08
C THR A 20 -6.23 -4.94 -0.76
N VAL A 21 -5.37 -5.45 -1.63
CA VAL A 21 -5.72 -6.57 -2.49
C VAL A 21 -5.83 -7.87 -1.70
N ILE A 22 -4.99 -7.99 -0.67
CA ILE A 22 -4.99 -9.18 0.17
C ILE A 22 -6.27 -9.26 1.01
N THR A 23 -6.77 -8.10 1.44
CA THR A 23 -7.98 -8.04 2.24
C THR A 23 -9.17 -8.57 1.46
N LEU A 24 -9.14 -8.40 0.14
CA LEU A 24 -10.21 -8.86 -0.73
C LEU A 24 -10.27 -10.38 -0.74
N VAL A 25 -9.16 -11.03 -0.40
CA VAL A 25 -9.07 -12.48 -0.37
C VAL A 25 -9.54 -13.03 0.96
N MET A 26 -9.32 -12.24 2.02
CA MET A 26 -9.72 -12.65 3.36
C MET A 26 -11.21 -12.91 3.45
N LEU A 27 -12.01 -12.01 2.88
CA LEU A 27 -13.46 -12.15 2.89
C LEU A 27 -13.89 -13.35 2.05
N LYS A 28 -13.01 -13.81 1.18
CA LYS A 28 -13.30 -14.94 0.32
C LYS A 28 -12.95 -16.25 1.01
N LYS A 29 -12.18 -16.15 2.10
CA LYS A 29 -11.78 -17.34 2.86
C LYS A 29 -12.99 -18.00 3.50
N LYS A 30 -14.15 -17.38 3.33
CA LYS A 30 -15.39 -17.89 3.89
C LYS A 30 -15.61 -19.35 3.49
N SER A 1 16.36 17.41 8.06
CA SER A 1 15.48 17.06 9.21
C SER A 1 14.03 16.96 8.76
N ASN A 2 13.72 17.53 7.59
CA ASN A 2 12.37 17.49 7.05
C ASN A 2 12.38 16.99 5.62
N LYS A 3 13.45 16.31 5.24
CA LYS A 3 13.58 15.76 3.90
C LYS A 3 13.52 14.23 3.91
N GLY A 4 14.09 13.64 4.97
CA GLY A 4 14.09 12.20 5.09
C GLY A 4 12.79 11.65 5.64
N ALA A 5 12.05 12.50 6.35
CA ALA A 5 10.77 12.10 6.93
C ALA A 5 9.72 11.82 5.87
N ILE A 6 9.62 12.71 4.89
CA ILE A 6 8.65 12.55 3.80
C ILE A 6 8.92 11.28 3.00
N ILE A 7 10.17 10.83 3.03
CA ILE A 7 10.56 9.62 2.30
C ILE A 7 9.74 8.42 2.75
N GLY A 8 9.33 8.42 4.01
CA GLY A 8 8.54 7.32 4.54
C GLY A 8 7.14 7.29 3.97
N LEU A 9 6.61 8.47 3.63
CA LEU A 9 5.26 8.57 3.07
C LEU A 9 5.22 8.02 1.65
N MET A 10 6.40 7.93 1.03
CA MET A 10 6.50 7.42 -0.34
C MET A 10 6.25 5.92 -0.38
N VAL A 11 6.91 5.19 0.52
CA VAL A 11 6.75 3.74 0.60
C VAL A 11 5.49 3.37 1.35
N GLY A 12 4.98 4.29 2.16
CA GLY A 12 3.78 4.04 2.93
C GLY A 12 2.54 4.01 2.06
N GLY A 13 2.66 4.51 0.84
CA GLY A 13 1.52 4.55 -0.06
C GLY A 13 1.43 3.32 -0.94
N VAL A 14 2.58 2.67 -1.18
CA VAL A 14 2.62 1.47 -2.01
C VAL A 14 2.34 0.22 -1.18
N VAL A 15 2.61 0.29 0.11
CA VAL A 15 2.38 -0.85 1.00
C VAL A 15 0.90 -1.02 1.30
N ILE A 16 0.20 0.09 1.50
CA ILE A 16 -1.23 0.06 1.81
C ILE A 16 -2.03 -0.46 0.61
N ALA A 17 -1.49 -0.21 -0.58
CA ALA A 17 -2.15 -0.63 -1.82
C ALA A 17 -1.93 -2.12 -2.07
N THR A 18 -0.87 -2.66 -1.51
CA THR A 18 -0.54 -4.07 -1.68
C THR A 18 -1.38 -4.95 -0.75
N VAL A 19 -1.53 -4.51 0.49
CA VAL A 19 -2.32 -5.26 1.47
C VAL A 19 -3.79 -5.28 1.09
N THR A 20 -4.21 -4.30 0.29
CA THR A 20 -5.60 -4.20 -0.13
C THR A 20 -6.04 -5.46 -0.87
N VAL A 21 -5.26 -5.85 -1.88
CA VAL A 21 -5.58 -7.04 -2.67
C VAL A 21 -5.73 -8.27 -1.78
N ILE A 22 -4.97 -8.30 -0.69
CA ILE A 22 -5.02 -9.43 0.24
C ILE A 22 -6.24 -9.33 1.15
N THR A 23 -6.75 -8.11 1.34
CA THR A 23 -7.90 -7.88 2.19
C THR A 23 -9.19 -8.34 1.52
N LEU A 24 -9.27 -8.20 0.20
CA LEU A 24 -10.46 -8.59 -0.54
C LEU A 24 -10.62 -10.11 -0.59
N VAL A 25 -9.49 -10.83 -0.56
CA VAL A 25 -9.52 -12.28 -0.61
C VAL A 25 -9.68 -12.88 0.79
N MET A 26 -9.35 -12.10 1.81
CA MET A 26 -9.45 -12.55 3.19
C MET A 26 -10.90 -12.56 3.67
N LEU A 27 -11.63 -11.50 3.37
CA LEU A 27 -13.03 -11.39 3.78
C LEU A 27 -13.90 -12.41 3.05
N LYS A 28 -13.39 -12.94 1.95
CA LYS A 28 -14.11 -13.93 1.17
C LYS A 28 -14.08 -15.30 1.83
N LYS A 29 -13.19 -15.45 2.81
CA LYS A 29 -13.05 -16.72 3.53
C LYS A 29 -14.40 -17.28 3.95
N LYS A 30 -15.36 -16.39 4.25
CA LYS A 30 -16.69 -16.81 4.65
C LYS A 30 -17.37 -17.61 3.55
N SER A 1 22.19 6.95 8.89
CA SER A 1 20.95 7.50 9.49
C SER A 1 20.37 8.62 8.64
N ASN A 2 21.11 9.00 7.60
CA ASN A 2 20.67 10.08 6.71
C ASN A 2 20.20 9.51 5.37
N LYS A 3 19.15 10.11 4.81
CA LYS A 3 18.59 9.68 3.53
C LYS A 3 17.90 8.32 3.64
N GLY A 4 18.18 7.59 4.72
CA GLY A 4 17.57 6.29 4.92
C GLY A 4 16.18 6.38 5.51
N ALA A 5 15.90 7.50 6.17
CA ALA A 5 14.60 7.72 6.81
C ALA A 5 13.47 7.78 5.78
N ILE A 6 13.73 8.41 4.64
CA ILE A 6 12.72 8.53 3.59
C ILE A 6 12.41 7.18 2.96
N ILE A 7 13.38 6.29 2.95
CA ILE A 7 13.20 4.96 2.37
C ILE A 7 12.03 4.25 3.03
N GLY A 8 11.79 4.55 4.30
CA GLY A 8 10.69 3.95 5.02
C GLY A 8 9.34 4.40 4.50
N LEU A 9 9.29 5.62 3.97
CA LEU A 9 8.07 6.18 3.44
C LEU A 9 7.81 5.69 2.02
N MET A 10 8.81 5.01 1.45
CA MET A 10 8.70 4.49 0.10
C MET A 10 7.84 3.23 0.08
N VAL A 11 8.10 2.33 1.02
CA VAL A 11 7.34 1.08 1.11
C VAL A 11 5.98 1.30 1.76
N GLY A 12 5.84 2.43 2.45
CA GLY A 12 4.57 2.74 3.10
C GLY A 12 3.48 3.08 2.12
N GLY A 13 3.86 3.38 0.89
CA GLY A 13 2.89 3.71 -0.14
C GLY A 13 2.46 2.50 -0.92
N VAL A 14 3.37 1.53 -1.06
CA VAL A 14 3.09 0.30 -1.79
C VAL A 14 2.43 -0.74 -0.89
N VAL A 15 2.72 -0.67 0.40
CA VAL A 15 2.16 -1.62 1.36
C VAL A 15 0.65 -1.43 1.50
N ILE A 16 0.20 -0.17 1.45
CA ILE A 16 -1.21 0.14 1.57
C ILE A 16 -1.99 -0.35 0.35
N ALA A 17 -1.33 -0.32 -0.80
CA ALA A 17 -1.96 -0.76 -2.05
C ALA A 17 -1.86 -2.27 -2.22
N THR A 18 -0.84 -2.86 -1.62
CA THR A 18 -0.63 -4.31 -1.71
C THR A 18 -1.47 -5.05 -0.68
N VAL A 19 -1.76 -4.39 0.44
CA VAL A 19 -2.55 -5.00 1.51
C VAL A 19 -4.03 -5.01 1.14
N THR A 20 -4.43 -4.12 0.24
CA THR A 20 -5.82 -4.02 -0.19
C THR A 20 -6.24 -5.26 -0.97
N VAL A 21 -5.47 -5.60 -2.01
CA VAL A 21 -5.76 -6.76 -2.83
C VAL A 21 -5.75 -8.05 -2.02
N ILE A 22 -4.94 -8.07 -0.97
CA ILE A 22 -4.84 -9.25 -0.11
C ILE A 22 -6.01 -9.33 0.87
N THR A 23 -6.43 -8.18 1.36
CA THR A 23 -7.55 -8.11 2.31
C THR A 23 -8.86 -8.48 1.63
N LEU A 24 -8.95 -8.20 0.34
CA LEU A 24 -10.17 -8.51 -0.43
C LEU A 24 -10.51 -9.99 -0.34
N VAL A 25 -9.48 -10.83 -0.39
CA VAL A 25 -9.67 -12.28 -0.32
C VAL A 25 -9.70 -12.76 1.13
N MET A 26 -9.05 -12.02 2.01
CA MET A 26 -9.00 -12.37 3.42
C MET A 26 -10.40 -12.36 4.04
N LEU A 27 -11.15 -11.30 3.81
CA LEU A 27 -12.50 -11.18 4.34
C LEU A 27 -13.44 -12.19 3.68
N LYS A 28 -13.04 -12.67 2.50
CA LYS A 28 -13.85 -13.65 1.77
C LYS A 28 -13.54 -15.07 2.24
N LYS A 29 -12.41 -15.22 2.93
CA LYS A 29 -12.01 -16.53 3.43
C LYS A 29 -13.03 -17.08 4.41
N LYS A 30 -13.81 -16.18 5.01
CA LYS A 30 -14.84 -16.57 5.97
C LYS A 30 -15.91 -17.43 5.30
N SER A 1 15.68 19.77 -5.35
CA SER A 1 16.09 19.73 -3.92
C SER A 1 15.70 18.39 -3.29
N ASN A 2 14.40 18.20 -3.10
CA ASN A 2 13.90 16.97 -2.49
C ASN A 2 13.94 15.81 -3.49
N LYS A 3 14.84 14.86 -3.25
CA LYS A 3 14.98 13.70 -4.13
C LYS A 3 14.80 12.40 -3.35
N GLY A 4 15.62 12.21 -2.33
CA GLY A 4 15.55 11.01 -1.52
C GLY A 4 14.46 11.08 -0.48
N ALA A 5 14.05 12.30 -0.11
CA ALA A 5 13.02 12.49 0.88
C ALA A 5 11.69 11.90 0.44
N ILE A 6 11.30 12.18 -0.81
CA ILE A 6 10.05 11.67 -1.36
C ILE A 6 10.05 10.15 -1.45
N ILE A 7 11.22 9.58 -1.71
CA ILE A 7 11.35 8.13 -1.83
C ILE A 7 10.89 7.43 -0.56
N GLY A 8 10.92 8.16 0.55
CA GLY A 8 10.50 7.58 1.82
C GLY A 8 9.02 7.24 1.83
N LEU A 9 8.23 8.02 1.12
CA LEU A 9 6.79 7.78 1.05
C LEU A 9 6.45 6.77 -0.04
N MET A 10 7.44 6.49 -0.89
CA MET A 10 7.26 5.53 -1.98
C MET A 10 6.96 4.13 -1.44
N VAL A 11 7.83 3.65 -0.55
CA VAL A 11 7.66 2.32 0.03
C VAL A 11 6.40 2.26 0.90
N GLY A 12 5.96 3.41 1.38
CA GLY A 12 4.77 3.47 2.22
C GLY A 12 3.49 3.47 1.41
N GLY A 13 3.62 3.74 0.11
CA GLY A 13 2.46 3.77 -0.76
C GLY A 13 2.18 2.43 -1.43
N VAL A 14 3.22 1.63 -1.57
CA VAL A 14 3.09 0.31 -2.20
C VAL A 14 2.58 -0.73 -1.22
N VAL A 15 2.97 -0.61 0.05
CA VAL A 15 2.54 -1.54 1.08
C VAL A 15 1.05 -1.42 1.35
N ILE A 16 0.58 -0.18 1.50
CA ILE A 16 -0.83 0.08 1.77
C ILE A 16 -1.69 -0.23 0.54
N ALA A 17 -1.08 -0.16 -0.64
CA ALA A 17 -1.79 -0.44 -1.88
C ALA A 17 -1.84 -1.93 -2.19
N THR A 18 -0.84 -2.67 -1.71
CA THR A 18 -0.77 -4.11 -1.95
C THR A 18 -1.63 -4.86 -0.94
N VAL A 19 -1.64 -4.40 0.31
CA VAL A 19 -2.41 -5.04 1.36
C VAL A 19 -3.91 -4.99 1.05
N THR A 20 -4.31 -4.00 0.25
CA THR A 20 -5.70 -3.85 -0.12
C THR A 20 -6.21 -5.06 -0.90
N VAL A 21 -5.32 -5.66 -1.67
CA VAL A 21 -5.67 -6.84 -2.48
C VAL A 21 -5.80 -8.09 -1.61
N ILE A 22 -5.08 -8.10 -0.49
CA ILE A 22 -5.10 -9.23 0.43
C ILE A 22 -6.42 -9.30 1.19
N THR A 23 -6.96 -8.13 1.52
CA THR A 23 -8.22 -8.05 2.25
C THR A 23 -9.37 -8.59 1.41
N LEU A 24 -9.24 -8.51 0.10
CA LEU A 24 -10.27 -9.00 -0.82
C LEU A 24 -10.52 -10.49 -0.63
N VAL A 25 -9.42 -11.25 -0.59
CA VAL A 25 -9.51 -12.71 -0.43
C VAL A 25 -9.61 -13.09 1.05
N MET A 26 -9.15 -12.18 1.91
CA MET A 26 -9.18 -12.42 3.36
C MET A 26 -10.61 -12.61 3.86
N LEU A 27 -11.54 -11.84 3.28
CA LEU A 27 -12.94 -11.93 3.67
C LEU A 27 -13.65 -13.04 2.91
N LYS A 28 -13.05 -13.48 1.81
CA LYS A 28 -13.62 -14.54 0.99
C LYS A 28 -13.71 -15.85 1.78
N LYS A 29 -12.92 -15.96 2.84
CA LYS A 29 -12.91 -17.15 3.67
C LYS A 29 -14.32 -17.48 4.15
N LYS A 30 -15.09 -16.44 4.44
CA LYS A 30 -16.47 -16.58 4.91
C LYS A 30 -16.53 -17.47 6.14
N SER A 1 1.36 24.20 -5.38
CA SER A 1 1.38 22.91 -6.13
C SER A 1 1.99 21.80 -5.28
N ASN A 2 1.24 20.73 -5.09
CA ASN A 2 1.70 19.59 -4.29
C ASN A 2 1.93 18.37 -5.19
N LYS A 3 2.93 18.47 -6.06
CA LYS A 3 3.27 17.38 -6.97
C LYS A 3 4.58 16.71 -6.55
N GLY A 4 5.52 17.52 -6.08
CA GLY A 4 6.81 16.99 -5.66
C GLY A 4 6.76 16.42 -4.25
N ALA A 5 5.79 16.87 -3.47
CA ALA A 5 5.63 16.40 -2.09
C ALA A 5 5.17 14.95 -2.04
N ILE A 6 4.18 14.61 -2.84
CA ILE A 6 3.65 13.25 -2.89
C ILE A 6 4.71 12.25 -3.35
N ILE A 7 5.72 12.75 -4.05
CA ILE A 7 6.79 11.90 -4.55
C ILE A 7 7.45 11.12 -3.41
N GLY A 8 7.44 11.71 -2.21
CA GLY A 8 8.04 11.06 -1.06
C GLY A 8 7.10 10.05 -0.42
N LEU A 9 5.80 10.33 -0.50
CA LEU A 9 4.80 9.44 0.08
C LEU A 9 4.42 8.34 -0.92
N MET A 10 5.06 8.36 -2.08
CA MET A 10 4.80 7.38 -3.13
C MET A 10 5.13 5.97 -2.64
N VAL A 11 6.21 5.85 -1.87
CA VAL A 11 6.63 4.56 -1.34
C VAL A 11 5.61 4.00 -0.36
N GLY A 12 4.81 4.89 0.21
CA GLY A 12 3.79 4.47 1.16
C GLY A 12 2.52 4.01 0.47
N GLY A 13 2.40 4.33 -0.81
CA GLY A 13 1.23 3.94 -1.57
C GLY A 13 1.36 2.57 -2.20
N VAL A 14 2.58 2.03 -2.20
CA VAL A 14 2.83 0.72 -2.78
C VAL A 14 2.57 -0.39 -1.75
N VAL A 15 2.75 -0.06 -0.48
CA VAL A 15 2.54 -1.02 0.60
C VAL A 15 1.06 -1.11 0.95
N ILE A 16 0.43 0.05 1.13
CA ILE A 16 -0.99 0.10 1.46
C ILE A 16 -1.85 -0.48 0.34
N ALA A 17 -1.33 -0.41 -0.89
CA ALA A 17 -2.04 -0.93 -2.04
C ALA A 17 -1.95 -2.45 -2.11
N THR A 18 -0.92 -3.00 -1.49
CA THR A 18 -0.71 -4.44 -1.47
C THR A 18 -1.63 -5.11 -0.47
N VAL A 19 -1.69 -4.57 0.74
CA VAL A 19 -2.54 -5.12 1.79
C VAL A 19 -4.01 -5.09 1.38
N THR A 20 -4.38 -4.12 0.56
CA THR A 20 -5.76 -3.99 0.10
C THR A 20 -6.21 -5.23 -0.67
N VAL A 21 -5.39 -5.64 -1.64
CA VAL A 21 -5.71 -6.82 -2.44
C VAL A 21 -5.79 -8.08 -1.59
N ILE A 22 -5.00 -8.10 -0.52
CA ILE A 22 -4.98 -9.24 0.40
C ILE A 22 -6.26 -9.30 1.22
N THR A 23 -6.78 -8.14 1.59
CA THR A 23 -8.00 -8.05 2.39
C THR A 23 -9.23 -8.42 1.57
N LEU A 24 -9.22 -8.03 0.30
CA LEU A 24 -10.35 -8.31 -0.59
C LEU A 24 -10.38 -9.80 -0.96
N VAL A 25 -9.25 -10.32 -1.41
CA VAL A 25 -9.14 -11.71 -1.80
C VAL A 25 -9.44 -12.64 -0.62
N MET A 26 -9.34 -12.11 0.59
CA MET A 26 -9.60 -12.88 1.80
C MET A 26 -11.03 -13.39 1.82
N LEU A 27 -11.99 -12.47 1.79
CA LEU A 27 -13.39 -12.83 1.81
C LEU A 27 -13.85 -13.37 0.46
N LYS A 28 -13.08 -13.09 -0.59
CA LYS A 28 -13.40 -13.55 -1.92
C LYS A 28 -12.93 -14.98 -2.14
N LYS A 29 -12.05 -15.45 -1.26
CA LYS A 29 -11.51 -16.80 -1.35
C LYS A 29 -12.61 -17.84 -1.16
N LYS A 30 -13.76 -17.40 -0.67
CA LYS A 30 -14.90 -18.30 -0.46
C LYS A 30 -15.33 -18.96 -1.76
N SER A 1 15.98 19.37 0.59
CA SER A 1 17.45 19.23 0.40
C SER A 1 17.80 17.78 0.06
N ASN A 2 17.46 16.86 0.95
CA ASN A 2 17.74 15.46 0.75
C ASN A 2 16.84 14.86 -0.32
N LYS A 3 17.43 14.04 -1.20
CA LYS A 3 16.68 13.42 -2.29
C LYS A 3 16.26 12.00 -1.91
N GLY A 4 17.03 11.36 -1.04
CA GLY A 4 16.72 10.00 -0.62
C GLY A 4 15.60 9.94 0.39
N ALA A 5 15.37 11.04 1.09
CA ALA A 5 14.32 11.11 2.09
C ALA A 5 12.95 10.83 1.50
N ILE A 6 12.63 11.52 0.41
CA ILE A 6 11.34 11.35 -0.26
C ILE A 6 11.20 9.94 -0.85
N ILE A 7 12.33 9.34 -1.22
CA ILE A 7 12.32 8.00 -1.81
C ILE A 7 11.66 7.00 -0.86
N GLY A 8 11.79 7.24 0.44
CA GLY A 8 11.22 6.36 1.43
C GLY A 8 9.71 6.48 1.52
N LEU A 9 9.18 7.63 1.08
CA LEU A 9 7.74 7.87 1.12
C LEU A 9 7.08 7.36 -0.15
N MET A 10 7.90 7.04 -1.15
CA MET A 10 7.39 6.53 -2.43
C MET A 10 6.80 5.15 -2.26
N VAL A 11 7.48 4.30 -1.48
CA VAL A 11 7.02 2.94 -1.24
C VAL A 11 5.79 2.92 -0.33
N GLY A 12 5.58 4.02 0.38
CA GLY A 12 4.44 4.11 1.27
C GLY A 12 3.11 4.00 0.55
N GLY A 13 3.14 4.14 -0.77
CA GLY A 13 1.93 4.05 -1.56
C GLY A 13 1.68 2.66 -2.11
N VAL A 14 2.75 1.91 -2.35
CA VAL A 14 2.63 0.56 -2.89
C VAL A 14 2.34 -0.45 -1.79
N VAL A 15 2.79 -0.15 -0.57
CA VAL A 15 2.56 -1.04 0.57
C VAL A 15 1.08 -1.07 0.94
N ILE A 16 0.50 0.10 1.15
CA ILE A 16 -0.90 0.21 1.52
C ILE A 16 -1.81 -0.31 0.41
N ALA A 17 -1.28 -0.33 -0.81
CA ALA A 17 -2.04 -0.80 -1.97
C ALA A 17 -1.98 -2.32 -2.10
N THR A 18 -0.93 -2.92 -1.54
CA THR A 18 -0.76 -4.37 -1.59
C THR A 18 -1.62 -5.08 -0.56
N VAL A 19 -1.67 -4.51 0.64
CA VAL A 19 -2.47 -5.07 1.73
C VAL A 19 -3.96 -5.09 1.38
N THR A 20 -4.36 -4.14 0.55
CA THR A 20 -5.77 -4.04 0.13
C THR A 20 -6.17 -5.23 -0.73
N VAL A 21 -5.20 -5.80 -1.44
CA VAL A 21 -5.46 -6.93 -2.31
C VAL A 21 -5.70 -8.21 -1.51
N ILE A 22 -4.97 -8.37 -0.41
CA ILE A 22 -5.12 -9.54 0.45
C ILE A 22 -6.43 -9.52 1.22
N THR A 23 -6.81 -8.35 1.72
CA THR A 23 -8.04 -8.20 2.47
C THR A 23 -9.27 -8.33 1.57
N LEU A 24 -9.08 -8.05 0.29
CA LEU A 24 -10.17 -8.13 -0.68
C LEU A 24 -10.54 -9.58 -1.00
N VAL A 25 -9.58 -10.48 -0.84
CA VAL A 25 -9.80 -11.89 -1.11
C VAL A 25 -10.54 -12.57 0.05
N MET A 26 -10.42 -12.00 1.24
CA MET A 26 -11.08 -12.54 2.43
C MET A 26 -12.59 -12.63 2.23
N LEU A 27 -13.18 -11.54 1.71
CA LEU A 27 -14.62 -11.50 1.47
C LEU A 27 -15.00 -12.32 0.24
N LYS A 28 -14.03 -12.53 -0.65
CA LYS A 28 -14.26 -13.31 -1.86
C LYS A 28 -14.43 -14.78 -1.54
N LYS A 29 -14.06 -15.17 -0.33
CA LYS A 29 -14.17 -16.57 0.10
C LYS A 29 -15.57 -17.10 -0.21
N LYS A 30 -16.54 -16.20 -0.23
CA LYS A 30 -17.93 -16.57 -0.51
C LYS A 30 -18.42 -17.65 0.44
N SER A 1 9.16 19.46 6.79
CA SER A 1 7.68 19.43 6.59
C SER A 1 7.27 20.32 5.42
N ASN A 2 7.95 20.15 4.29
CA ASN A 2 7.66 20.94 3.10
C ASN A 2 7.72 20.08 1.85
N LYS A 3 8.91 19.62 1.50
CA LYS A 3 9.10 18.78 0.32
C LYS A 3 9.66 17.42 0.72
N GLY A 4 10.28 17.34 1.89
CA GLY A 4 10.84 16.10 2.37
C GLY A 4 9.81 15.19 3.01
N ALA A 5 8.72 15.78 3.47
CA ALA A 5 7.65 15.03 4.12
C ALA A 5 6.92 14.10 3.16
N ILE A 6 6.68 14.59 1.94
CA ILE A 6 5.99 13.80 0.92
C ILE A 6 6.79 12.55 0.54
N ILE A 7 8.09 12.59 0.81
CA ILE A 7 8.96 11.45 0.49
C ILE A 7 8.47 10.18 1.17
N GLY A 8 7.77 10.34 2.29
CA GLY A 8 7.25 9.19 3.01
C GLY A 8 5.97 8.66 2.40
N LEU A 9 5.24 9.54 1.72
CA LEU A 9 3.99 9.16 1.08
C LEU A 9 4.25 8.44 -0.24
N MET A 10 5.51 8.40 -0.65
CA MET A 10 5.90 7.75 -1.88
C MET A 10 5.58 6.26 -1.83
N VAL A 11 6.14 5.56 -0.85
CA VAL A 11 5.92 4.14 -0.70
C VAL A 11 4.59 3.87 0.02
N GLY A 12 4.08 4.88 0.69
CA GLY A 12 2.82 4.73 1.41
C GLY A 12 1.67 4.35 0.49
N GLY A 13 1.88 4.51 -0.82
CA GLY A 13 0.84 4.19 -1.77
C GLY A 13 0.96 2.76 -2.29
N VAL A 14 2.16 2.23 -2.31
CA VAL A 14 2.40 0.87 -2.78
C VAL A 14 2.18 -0.16 -1.67
N VAL A 15 2.41 0.27 -0.43
CA VAL A 15 2.23 -0.61 0.72
C VAL A 15 0.75 -0.89 0.98
N ILE A 16 -0.05 0.17 0.97
CA ILE A 16 -1.48 0.05 1.20
C ILE A 16 -2.16 -0.71 0.05
N ALA A 17 -1.64 -0.52 -1.16
CA ALA A 17 -2.19 -1.18 -2.35
C ALA A 17 -1.90 -2.68 -2.33
N THR A 18 -0.86 -3.07 -1.61
CA THR A 18 -0.48 -4.47 -1.51
C THR A 18 -1.27 -5.20 -0.43
N VAL A 19 -1.64 -4.48 0.63
CA VAL A 19 -2.39 -5.06 1.73
C VAL A 19 -3.89 -5.08 1.41
N THR A 20 -4.33 -4.17 0.55
CA THR A 20 -5.74 -4.10 0.17
C THR A 20 -6.20 -5.37 -0.54
N VAL A 21 -5.39 -5.83 -1.49
CA VAL A 21 -5.71 -7.03 -2.24
C VAL A 21 -5.72 -8.27 -1.36
N ILE A 22 -4.86 -8.26 -0.34
CA ILE A 22 -4.76 -9.39 0.59
C ILE A 22 -5.95 -9.41 1.54
N THR A 23 -6.45 -8.23 1.87
CA THR A 23 -7.59 -8.11 2.78
C THR A 23 -8.91 -8.30 2.03
N LEU A 24 -8.89 -8.02 0.74
CA LEU A 24 -10.08 -8.16 -0.09
C LEU A 24 -10.34 -9.63 -0.43
N VAL A 25 -9.26 -10.37 -0.70
CA VAL A 25 -9.36 -11.78 -1.03
C VAL A 25 -9.75 -12.59 0.19
N MET A 26 -9.52 -12.02 1.37
CA MET A 26 -9.84 -12.69 2.63
C MET A 26 -11.33 -13.01 2.71
N LEU A 27 -12.16 -11.99 2.54
CA LEU A 27 -13.61 -12.15 2.60
C LEU A 27 -14.13 -12.88 1.37
N LYS A 28 -13.34 -12.86 0.31
CA LYS A 28 -13.73 -13.53 -0.94
C LYS A 28 -13.38 -15.01 -0.89
N LYS A 29 -12.44 -15.36 -0.03
CA LYS A 29 -12.01 -16.75 0.12
C LYS A 29 -13.17 -17.64 0.56
N LYS A 30 -14.17 -17.01 1.17
CA LYS A 30 -15.35 -17.72 1.64
C LYS A 30 -16.05 -18.45 0.50
N SER A 1 15.88 20.52 -3.08
CA SER A 1 16.09 19.46 -2.05
C SER A 1 14.77 18.86 -1.62
N ASN A 2 13.67 19.37 -2.17
CA ASN A 2 12.34 18.88 -1.85
C ASN A 2 11.92 17.75 -2.79
N LYS A 3 12.91 17.12 -3.41
CA LYS A 3 12.65 16.02 -4.33
C LYS A 3 13.26 14.72 -3.81
N GLY A 4 14.28 14.84 -2.98
CA GLY A 4 14.94 13.67 -2.43
C GLY A 4 14.20 13.10 -1.23
N ALA A 5 13.39 13.94 -0.58
CA ALA A 5 12.63 13.53 0.60
C ALA A 5 11.33 12.83 0.19
N ILE A 6 10.70 13.32 -0.87
CA ILE A 6 9.45 12.75 -1.34
C ILE A 6 9.64 11.30 -1.79
N ILE A 7 10.87 10.94 -2.10
CA ILE A 7 11.19 9.58 -2.53
C ILE A 7 10.81 8.56 -1.48
N GLY A 8 10.76 9.00 -0.22
CA GLY A 8 10.41 8.11 0.87
C GLY A 8 8.91 7.93 1.00
N LEU A 9 8.15 8.87 0.44
CA LEU A 9 6.70 8.80 0.49
C LEU A 9 6.13 8.00 -0.67
N MET A 10 7.02 7.47 -1.50
CA MET A 10 6.61 6.68 -2.66
C MET A 10 6.36 5.22 -2.26
N VAL A 11 7.13 4.73 -1.30
CA VAL A 11 6.98 3.35 -0.83
C VAL A 11 5.71 3.19 -0.01
N GLY A 12 5.16 4.30 0.47
CA GLY A 12 3.94 4.26 1.26
C GLY A 12 2.70 4.07 0.42
N GLY A 13 2.84 4.25 -0.89
CA GLY A 13 1.72 4.09 -1.78
C GLY A 13 1.59 2.67 -2.31
N VAL A 14 2.71 1.95 -2.34
CA VAL A 14 2.72 0.57 -2.84
C VAL A 14 2.37 -0.41 -1.72
N VAL A 15 2.67 -0.04 -0.48
CA VAL A 15 2.38 -0.90 0.67
C VAL A 15 0.88 -0.96 0.97
N ILE A 16 0.22 0.19 0.89
CA ILE A 16 -1.21 0.26 1.16
C ILE A 16 -2.01 -0.46 0.07
N ALA A 17 -1.42 -0.56 -1.12
CA ALA A 17 -2.06 -1.22 -2.24
C ALA A 17 -1.88 -2.74 -2.18
N THR A 18 -0.82 -3.17 -1.51
CA THR A 18 -0.52 -4.59 -1.38
C THR A 18 -1.38 -5.24 -0.29
N VAL A 19 -1.77 -4.45 0.70
CA VAL A 19 -2.58 -4.96 1.81
C VAL A 19 -4.06 -4.97 1.44
N THR A 20 -4.43 -4.16 0.46
CA THR A 20 -5.81 -4.08 0.01
C THR A 20 -6.24 -5.35 -0.72
N VAL A 21 -5.37 -5.87 -1.58
CA VAL A 21 -5.67 -7.07 -2.34
C VAL A 21 -5.76 -8.29 -1.44
N ILE A 22 -4.99 -8.29 -0.35
CA ILE A 22 -4.99 -9.40 0.59
C ILE A 22 -6.22 -9.37 1.49
N THR A 23 -6.64 -8.16 1.89
CA THR A 23 -7.79 -7.99 2.77
C THR A 23 -9.09 -8.26 2.01
N LEU A 24 -9.08 -7.98 0.71
CA LEU A 24 -10.27 -8.18 -0.12
C LEU A 24 -10.45 -9.66 -0.48
N VAL A 25 -9.34 -10.35 -0.73
CA VAL A 25 -9.38 -11.76 -1.08
C VAL A 25 -9.57 -12.62 0.17
N MET A 26 -9.25 -12.07 1.33
CA MET A 26 -9.38 -12.78 2.59
C MET A 26 -10.83 -13.17 2.86
N LEU A 27 -11.74 -12.22 2.70
CA LEU A 27 -13.15 -12.46 2.92
C LEU A 27 -13.77 -13.23 1.77
N LYS A 28 -13.09 -13.24 0.63
CA LYS A 28 -13.58 -13.93 -0.56
C LYS A 28 -13.60 -15.44 -0.33
N LYS A 29 -12.91 -15.89 0.72
CA LYS A 29 -12.87 -17.33 1.05
C LYS A 29 -14.28 -17.87 1.19
N LYS A 30 -15.24 -16.96 1.31
CA LYS A 30 -16.65 -17.30 1.45
C LYS A 30 -17.06 -18.38 0.45
N SER A 1 11.87 19.27 10.82
CA SER A 1 10.45 19.27 10.41
C SER A 1 10.13 18.03 9.59
N ASN A 2 10.66 16.88 10.02
CA ASN A 2 10.44 15.62 9.35
C ASN A 2 10.89 15.69 7.88
N LYS A 3 12.20 15.58 7.67
CA LYS A 3 12.75 15.62 6.32
C LYS A 3 13.29 14.25 5.92
N GLY A 4 14.13 13.67 6.77
CA GLY A 4 14.69 12.36 6.50
C GLY A 4 13.75 11.23 6.88
N ALA A 5 12.82 11.52 7.79
CA ALA A 5 11.86 10.54 8.26
C ALA A 5 10.82 10.22 7.18
N ILE A 6 10.32 11.25 6.52
CA ILE A 6 9.31 11.09 5.47
C ILE A 6 9.86 10.23 4.33
N ILE A 7 11.17 10.22 4.17
CA ILE A 7 11.81 9.44 3.12
C ILE A 7 11.49 7.96 3.28
N GLY A 8 11.17 7.55 4.50
CA GLY A 8 10.83 6.17 4.77
C GLY A 8 9.40 5.85 4.41
N LEU A 9 8.56 6.88 4.35
CA LEU A 9 7.15 6.72 4.02
C LEU A 9 6.96 6.52 2.52
N MET A 10 8.06 6.62 1.77
CA MET A 10 8.01 6.44 0.33
C MET A 10 7.41 5.08 -0.03
N VAL A 11 7.82 4.06 0.72
CA VAL A 11 7.33 2.70 0.49
C VAL A 11 6.02 2.49 1.25
N GLY A 12 5.75 3.35 2.21
CA GLY A 12 4.54 3.25 3.00
C GLY A 12 3.30 3.48 2.16
N GLY A 13 3.48 4.02 0.96
CA GLY A 13 2.37 4.28 0.08
C GLY A 13 2.08 3.13 -0.87
N VAL A 14 3.12 2.35 -1.19
CA VAL A 14 2.96 1.21 -2.08
C VAL A 14 2.53 -0.04 -1.33
N VAL A 15 2.83 -0.08 -0.03
CA VAL A 15 2.48 -1.22 0.80
C VAL A 15 0.99 -1.24 1.11
N ILE A 16 0.43 -0.07 1.36
CA ILE A 16 -0.99 0.05 1.68
C ILE A 16 -1.84 -0.47 0.51
N ALA A 17 -1.30 -0.34 -0.70
CA ALA A 17 -1.99 -0.79 -1.90
C ALA A 17 -1.82 -2.29 -2.09
N THR A 18 -0.75 -2.83 -1.49
CA THR A 18 -0.47 -4.25 -1.59
C THR A 18 -1.30 -5.06 -0.60
N VAL A 19 -1.66 -4.42 0.51
CA VAL A 19 -2.46 -5.09 1.54
C VAL A 19 -3.96 -5.03 1.20
N THR A 20 -4.34 -4.01 0.43
CA THR A 20 -5.73 -3.85 0.03
C THR A 20 -6.23 -5.04 -0.77
N VAL A 21 -5.44 -5.47 -1.75
CA VAL A 21 -5.80 -6.62 -2.58
C VAL A 21 -5.87 -7.89 -1.74
N ILE A 22 -5.09 -7.94 -0.68
CA ILE A 22 -5.07 -9.11 0.20
C ILE A 22 -6.30 -9.13 1.10
N THR A 23 -6.84 -7.94 1.37
CA THR A 23 -8.03 -7.82 2.22
C THR A 23 -9.27 -8.33 1.49
N LEU A 24 -9.17 -8.41 0.16
CA LEU A 24 -10.28 -8.88 -0.65
C LEU A 24 -10.40 -10.40 -0.64
N VAL A 25 -9.25 -11.07 -0.55
CA VAL A 25 -9.23 -12.53 -0.53
C VAL A 25 -9.53 -13.07 0.87
N MET A 26 -9.31 -12.24 1.88
CA MET A 26 -9.57 -12.63 3.26
C MET A 26 -11.05 -12.84 3.50
N LEU A 27 -11.87 -11.88 3.08
CA LEU A 27 -13.31 -11.97 3.25
C LEU A 27 -13.88 -13.15 2.48
N LYS A 28 -13.14 -13.59 1.47
CA LYS A 28 -13.56 -14.72 0.65
C LYS A 28 -13.12 -16.04 1.30
N LYS A 29 -12.07 -15.96 2.11
CA LYS A 29 -11.54 -17.13 2.81
C LYS A 29 -12.58 -17.70 3.77
N LYS A 30 -13.55 -16.87 4.13
CA LYS A 30 -14.62 -17.30 5.04
C LYS A 30 -15.33 -18.53 4.52
N SER A 1 17.50 16.39 -4.29
CA SER A 1 17.43 16.50 -2.80
C SER A 1 16.03 16.93 -2.36
N ASN A 2 15.42 17.83 -3.13
CA ASN A 2 14.08 18.32 -2.82
C ASN A 2 13.02 17.50 -3.54
N LYS A 3 13.38 16.97 -4.71
CA LYS A 3 12.45 16.17 -5.50
C LYS A 3 12.36 14.74 -4.96
N GLY A 4 13.41 14.33 -4.24
CA GLY A 4 13.43 13.00 -3.67
C GLY A 4 12.57 12.87 -2.43
N ALA A 5 12.31 14.00 -1.78
CA ALA A 5 11.49 14.02 -0.58
C ALA A 5 10.13 13.38 -0.81
N ILE A 6 9.52 13.68 -1.95
CA ILE A 6 8.21 13.13 -2.30
C ILE A 6 8.32 11.70 -2.82
N ILE A 7 9.44 11.41 -3.49
CA ILE A 7 9.67 10.08 -4.03
C ILE A 7 9.68 9.03 -2.93
N GLY A 8 9.97 9.47 -1.70
CA GLY A 8 10.00 8.57 -0.57
C GLY A 8 8.64 7.97 -0.26
N LEU A 9 7.59 8.64 -0.72
CA LEU A 9 6.23 8.17 -0.49
C LEU A 9 5.80 7.18 -1.57
N MET A 10 6.63 7.03 -2.60
CA MET A 10 6.33 6.11 -3.69
C MET A 10 6.18 4.68 -3.17
N VAL A 11 7.05 4.30 -2.25
CA VAL A 11 7.01 2.96 -1.67
C VAL A 11 5.89 2.85 -0.65
N GLY A 12 5.44 4.00 -0.15
CA GLY A 12 4.36 4.01 0.82
C GLY A 12 2.99 3.91 0.18
N GLY A 13 2.92 4.24 -1.11
CA GLY A 13 1.67 4.19 -1.82
C GLY A 13 1.39 2.80 -2.40
N VAL A 14 2.45 2.05 -2.64
CA VAL A 14 2.34 0.71 -3.20
C VAL A 14 2.12 -0.32 -2.09
N VAL A 15 2.69 -0.07 -0.93
CA VAL A 15 2.56 -0.99 0.21
C VAL A 15 1.12 -1.02 0.70
N ILE A 16 0.47 0.14 0.71
CA ILE A 16 -0.91 0.24 1.15
C ILE A 16 -1.83 -0.62 0.26
N ALA A 17 -1.51 -0.65 -1.03
CA ALA A 17 -2.29 -1.42 -1.98
C ALA A 17 -2.00 -2.91 -1.83
N THR A 18 -0.81 -3.23 -1.33
CA THR A 18 -0.42 -4.61 -1.12
C THR A 18 -1.31 -5.28 -0.07
N VAL A 19 -1.74 -4.49 0.91
CA VAL A 19 -2.60 -5.00 1.97
C VAL A 19 -4.06 -5.01 1.53
N THR A 20 -4.44 -4.06 0.68
CA THR A 20 -5.80 -3.95 0.18
C THR A 20 -6.20 -5.20 -0.59
N VAL A 21 -5.34 -5.63 -1.50
CA VAL A 21 -5.61 -6.83 -2.30
C VAL A 21 -5.75 -8.06 -1.41
N ILE A 22 -5.09 -8.04 -0.26
CA ILE A 22 -5.16 -9.15 0.68
C ILE A 22 -6.46 -9.14 1.46
N THR A 23 -6.97 -7.93 1.73
CA THR A 23 -8.21 -7.77 2.47
C THR A 23 -9.41 -8.23 1.63
N LEU A 24 -9.28 -8.12 0.32
CA LEU A 24 -10.36 -8.53 -0.59
C LEU A 24 -10.41 -10.04 -0.74
N VAL A 25 -9.23 -10.65 -0.81
CA VAL A 25 -9.14 -12.12 -0.96
C VAL A 25 -9.36 -12.81 0.38
N MET A 26 -9.10 -12.10 1.47
CA MET A 26 -9.27 -12.64 2.80
C MET A 26 -10.72 -13.10 3.03
N LEU A 27 -11.66 -12.20 2.74
CA LEU A 27 -13.08 -12.51 2.91
C LEU A 27 -13.56 -13.46 1.82
N LYS A 28 -12.80 -13.54 0.74
CA LYS A 28 -13.14 -14.42 -0.37
C LYS A 28 -12.72 -15.85 -0.09
N LYS A 29 -11.79 -16.01 0.85
CA LYS A 29 -11.30 -17.34 1.22
C LYS A 29 -12.45 -18.21 1.70
N LYS A 30 -13.47 -17.57 2.26
CA LYS A 30 -14.65 -18.27 2.75
C LYS A 30 -14.27 -19.36 3.74
N SER A 1 17.96 19.15 2.55
CA SER A 1 17.83 17.68 2.44
C SER A 1 16.37 17.25 2.47
N ASN A 2 15.77 17.10 1.28
CA ASN A 2 14.38 16.70 1.18
C ASN A 2 14.20 15.67 0.07
N LYS A 3 15.30 15.07 -0.37
CA LYS A 3 15.25 14.07 -1.42
C LYS A 3 15.47 12.68 -0.85
N GLY A 4 16.23 12.60 0.24
CA GLY A 4 16.50 11.31 0.86
C GLY A 4 15.38 10.86 1.79
N ALA A 5 14.65 11.82 2.35
CA ALA A 5 13.56 11.51 3.26
C ALA A 5 12.29 11.12 2.50
N ILE A 6 12.05 11.78 1.37
CA ILE A 6 10.87 11.50 0.56
C ILE A 6 10.85 10.04 0.11
N ILE A 7 12.03 9.45 -0.04
CA ILE A 7 12.15 8.06 -0.48
C ILE A 7 11.41 7.13 0.48
N GLY A 8 11.41 7.48 1.76
CA GLY A 8 10.74 6.66 2.75
C GLY A 8 9.22 6.71 2.61
N LEU A 9 8.73 7.76 1.97
CA LEU A 9 7.29 7.92 1.76
C LEU A 9 6.87 7.29 0.44
N MET A 10 7.83 6.70 -0.27
CA MET A 10 7.56 6.05 -1.54
C MET A 10 7.01 4.64 -1.33
N VAL A 11 7.69 3.87 -0.47
CA VAL A 11 7.27 2.51 -0.19
C VAL A 11 5.96 2.48 0.60
N GLY A 12 5.63 3.61 1.22
CA GLY A 12 4.41 3.70 1.99
C GLY A 12 3.16 3.69 1.14
N GLY A 13 3.33 3.95 -0.15
CA GLY A 13 2.20 3.97 -1.06
C GLY A 13 1.94 2.61 -1.67
N VAL A 14 3.00 1.82 -1.83
CA VAL A 14 2.87 0.48 -2.40
C VAL A 14 2.52 -0.56 -1.33
N VAL A 15 2.94 -0.30 -0.10
CA VAL A 15 2.67 -1.21 1.00
C VAL A 15 1.18 -1.23 1.35
N ILE A 16 0.54 -0.07 1.21
CA ILE A 16 -0.88 0.05 1.49
C ILE A 16 -1.72 -0.41 0.30
N ALA A 17 -1.13 -0.34 -0.88
CA ALA A 17 -1.81 -0.75 -2.11
C ALA A 17 -1.83 -2.27 -2.24
N THR A 18 -0.87 -2.93 -1.61
CA THR A 18 -0.78 -4.38 -1.66
C THR A 18 -1.69 -5.04 -0.63
N VAL A 19 -1.66 -4.51 0.59
CA VAL A 19 -2.48 -5.05 1.68
C VAL A 19 -3.97 -5.00 1.32
N THR A 20 -4.36 -4.01 0.52
CA THR A 20 -5.74 -3.86 0.11
C THR A 20 -6.21 -5.06 -0.70
N VAL A 21 -5.43 -5.42 -1.71
CA VAL A 21 -5.76 -6.56 -2.57
C VAL A 21 -5.87 -7.85 -1.75
N ILE A 22 -5.09 -7.92 -0.68
CA ILE A 22 -5.10 -9.10 0.19
C ILE A 22 -6.36 -9.14 1.04
N THR A 23 -6.83 -7.98 1.47
CA THR A 23 -8.04 -7.89 2.29
C THR A 23 -9.24 -8.50 1.57
N LEU A 24 -9.28 -8.34 0.25
CA LEU A 24 -10.38 -8.87 -0.54
C LEU A 24 -10.34 -10.40 -0.57
N VAL A 25 -9.15 -10.96 -0.40
CA VAL A 25 -8.98 -12.41 -0.41
C VAL A 25 -9.43 -13.03 0.92
N MET A 26 -9.36 -12.24 1.98
CA MET A 26 -9.76 -12.71 3.30
C MET A 26 -11.23 -13.10 3.32
N LEU A 27 -12.08 -12.26 2.72
CA LEU A 27 -13.51 -12.52 2.68
C LEU A 27 -13.87 -13.46 1.54
N LYS A 28 -13.00 -13.50 0.53
CA LYS A 28 -13.22 -14.36 -0.63
C LYS A 28 -13.18 -15.83 -0.23
N LYS A 29 -12.43 -16.13 0.82
CA LYS A 29 -12.31 -17.50 1.29
C LYS A 29 -13.68 -18.09 1.59
N LYS A 30 -14.58 -17.23 2.05
CA LYS A 30 -15.95 -17.64 2.38
C LYS A 30 -15.95 -18.80 3.37
N SER A 1 6.86 21.01 0.31
CA SER A 1 5.58 20.24 0.25
C SER A 1 4.89 20.43 -1.10
N ASN A 2 5.68 20.39 -2.17
CA ASN A 2 5.15 20.56 -3.52
C ASN A 2 5.66 19.47 -4.45
N LYS A 3 6.97 19.24 -4.41
CA LYS A 3 7.59 18.21 -5.26
C LYS A 3 8.26 17.14 -4.42
N GLY A 4 8.74 17.53 -3.24
CA GLY A 4 9.41 16.58 -2.37
C GLY A 4 8.43 15.76 -1.55
N ALA A 5 7.22 16.27 -1.37
CA ALA A 5 6.20 15.57 -0.61
C ALA A 5 5.59 14.42 -1.39
N ILE A 6 5.34 14.64 -2.67
CA ILE A 6 4.75 13.61 -3.52
C ILE A 6 5.66 12.39 -3.63
N ILE A 7 6.96 12.61 -3.44
CA ILE A 7 7.93 11.53 -3.50
C ILE A 7 7.60 10.44 -2.50
N GLY A 8 6.99 10.83 -1.39
CA GLY A 8 6.63 9.89 -0.35
C GLY A 8 5.40 9.07 -0.72
N LEU A 9 4.61 9.58 -1.66
CA LEU A 9 3.40 8.89 -2.10
C LEU A 9 3.75 7.79 -3.10
N MET A 10 5.02 7.71 -3.46
CA MET A 10 5.48 6.70 -4.42
C MET A 10 5.61 5.33 -3.75
N VAL A 11 6.40 5.26 -2.69
CA VAL A 11 6.59 4.01 -1.97
C VAL A 11 5.50 3.78 -0.93
N GLY A 12 4.84 4.86 -0.53
CA GLY A 12 3.78 4.75 0.46
C GLY A 12 2.45 4.38 -0.17
N GLY A 13 2.36 4.50 -1.48
CA GLY A 13 1.13 4.18 -2.18
C GLY A 13 1.09 2.74 -2.68
N VAL A 14 2.26 2.12 -2.79
CA VAL A 14 2.35 0.74 -3.27
C VAL A 14 2.13 -0.26 -2.13
N VAL A 15 2.60 0.09 -0.95
CA VAL A 15 2.46 -0.79 0.22
C VAL A 15 1.01 -0.87 0.68
N ILE A 16 0.38 0.29 0.87
CA ILE A 16 -1.00 0.35 1.31
C ILE A 16 -1.94 -0.27 0.27
N ALA A 17 -1.50 -0.29 -0.98
CA ALA A 17 -2.29 -0.87 -2.06
C ALA A 17 -2.11 -2.37 -2.14
N THR A 18 -0.97 -2.86 -1.64
CA THR A 18 -0.68 -4.28 -1.67
C THR A 18 -1.44 -5.03 -0.57
N VAL A 19 -1.56 -4.40 0.60
CA VAL A 19 -2.25 -5.02 1.72
C VAL A 19 -3.75 -5.14 1.44
N THR A 20 -4.28 -4.23 0.63
CA THR A 20 -5.69 -4.24 0.28
C THR A 20 -6.06 -5.50 -0.49
N VAL A 21 -5.09 -6.04 -1.22
CA VAL A 21 -5.30 -7.25 -2.01
C VAL A 21 -5.56 -8.45 -1.10
N ILE A 22 -4.85 -8.49 0.02
CA ILE A 22 -4.99 -9.59 0.98
C ILE A 22 -6.33 -9.50 1.72
N THR A 23 -6.73 -8.28 2.05
CA THR A 23 -7.99 -8.06 2.76
C THR A 23 -9.18 -8.30 1.85
N LEU A 24 -8.95 -8.16 0.55
CA LEU A 24 -10.01 -8.36 -0.44
C LEU A 24 -10.26 -9.84 -0.70
N VAL A 25 -9.17 -10.61 -0.78
CA VAL A 25 -9.27 -12.05 -1.02
C VAL A 25 -9.74 -12.79 0.22
N MET A 26 -9.48 -12.20 1.38
CA MET A 26 -9.87 -12.81 2.65
C MET A 26 -11.39 -12.92 2.76
N LEU A 27 -12.07 -11.81 2.51
CA LEU A 27 -13.52 -11.77 2.58
C LEU A 27 -14.15 -12.42 1.35
N LYS A 28 -13.36 -12.55 0.28
CA LYS A 28 -13.83 -13.15 -0.96
C LYS A 28 -14.34 -14.58 -0.73
N LYS A 29 -13.94 -15.16 0.39
CA LYS A 29 -14.36 -16.52 0.74
C LYS A 29 -15.87 -16.66 0.69
N LYS A 30 -16.56 -15.54 0.86
CA LYS A 30 -18.02 -15.52 0.83
C LYS A 30 -18.55 -15.86 -0.56
N SER A 1 7.93 25.60 -1.90
CA SER A 1 9.04 24.75 -2.39
C SER A 1 8.86 23.30 -1.94
N ASN A 2 7.63 22.97 -1.55
CA ASN A 2 7.33 21.62 -1.09
C ASN A 2 7.27 20.64 -2.27
N LYS A 3 7.99 19.53 -2.15
CA LYS A 3 8.03 18.52 -3.19
C LYS A 3 8.18 17.13 -2.59
N GLY A 4 9.02 17.01 -1.58
CA GLY A 4 9.25 15.73 -0.94
C GLY A 4 8.05 15.25 -0.13
N ALA A 5 7.19 16.19 0.26
CA ALA A 5 6.01 15.86 1.03
C ALA A 5 5.17 14.77 0.37
N ILE A 6 4.97 14.90 -0.94
CA ILE A 6 4.19 13.93 -1.69
C ILE A 6 5.01 12.68 -2.01
N ILE A 7 6.32 12.87 -2.15
CA ILE A 7 7.23 11.76 -2.45
C ILE A 7 7.17 10.70 -1.34
N GLY A 8 6.82 11.13 -0.14
CA GLY A 8 6.74 10.21 0.98
C GLY A 8 5.63 9.19 0.82
N LEU A 9 4.67 9.51 -0.05
CA LEU A 9 3.54 8.61 -0.29
C LEU A 9 3.88 7.59 -1.37
N MET A 10 5.11 7.64 -1.87
CA MET A 10 5.56 6.72 -2.90
C MET A 10 5.68 5.30 -2.35
N VAL A 11 6.49 5.14 -1.31
CA VAL A 11 6.69 3.83 -0.69
C VAL A 11 5.55 3.49 0.25
N GLY A 12 4.91 4.51 0.81
CA GLY A 12 3.80 4.30 1.71
C GLY A 12 2.49 4.08 0.98
N GLY A 13 2.46 4.41 -0.30
CA GLY A 13 1.26 4.24 -1.09
C GLY A 13 1.18 2.86 -1.72
N VAL A 14 2.33 2.22 -1.87
CA VAL A 14 2.38 0.88 -2.46
C VAL A 14 2.15 -0.20 -1.41
N VAL A 15 2.62 0.05 -0.20
CA VAL A 15 2.46 -0.90 0.90
C VAL A 15 1.00 -1.04 1.30
N ILE A 16 0.28 0.08 1.28
CA ILE A 16 -1.14 0.07 1.63
C ILE A 16 -1.99 -0.42 0.47
N ALA A 17 -1.46 -0.29 -0.74
CA ALA A 17 -2.16 -0.73 -1.94
C ALA A 17 -2.00 -2.23 -2.17
N THR A 18 -0.91 -2.78 -1.66
CA THR A 18 -0.64 -4.21 -1.80
C THR A 18 -1.45 -5.03 -0.81
N VAL A 19 -1.57 -4.53 0.41
CA VAL A 19 -2.32 -5.21 1.45
C VAL A 19 -3.82 -5.23 1.13
N THR A 20 -4.26 -4.26 0.33
CA THR A 20 -5.66 -4.16 -0.06
C THR A 20 -6.10 -5.41 -0.83
N VAL A 21 -5.21 -5.92 -1.67
CA VAL A 21 -5.50 -7.11 -2.47
C VAL A 21 -5.69 -8.32 -1.57
N ILE A 22 -4.91 -8.39 -0.49
CA ILE A 22 -5.00 -9.50 0.45
C ILE A 22 -6.27 -9.40 1.29
N THR A 23 -6.67 -8.18 1.60
CA THR A 23 -7.87 -7.95 2.41
C THR A 23 -9.12 -8.39 1.67
N LEU A 24 -9.14 -8.17 0.35
CA LEU A 24 -10.27 -8.55 -0.47
C LEU A 24 -10.47 -10.06 -0.49
N VAL A 25 -9.40 -10.79 -0.76
CA VAL A 25 -9.45 -12.25 -0.80
C VAL A 25 -9.71 -12.83 0.58
N MET A 26 -9.32 -12.08 1.61
CA MET A 26 -9.52 -12.52 2.99
C MET A 26 -10.99 -12.51 3.36
N LEU A 27 -11.68 -11.41 3.04
CA LEU A 27 -13.10 -11.28 3.35
C LEU A 27 -13.94 -12.12 2.37
N LYS A 28 -13.33 -12.46 1.24
CA LYS A 28 -14.01 -13.26 0.22
C LYS A 28 -13.84 -14.75 0.50
N LYS A 29 -12.89 -15.06 1.38
CA LYS A 29 -12.62 -16.45 1.75
C LYS A 29 -13.89 -17.17 2.19
N LYS A 30 -14.87 -16.40 2.66
CA LYS A 30 -16.14 -16.96 3.11
C LYS A 30 -16.76 -17.84 2.03
N SER A 1 19.06 16.89 -8.17
CA SER A 1 20.24 15.97 -8.12
C SER A 1 19.91 14.72 -7.31
N ASN A 2 19.02 14.86 -6.34
CA ASN A 2 18.61 13.74 -5.49
C ASN A 2 17.22 13.24 -5.87
N LYS A 3 17.11 12.60 -7.02
CA LYS A 3 15.85 12.07 -7.49
C LYS A 3 15.57 10.69 -6.90
N GLY A 4 16.61 10.08 -6.34
CA GLY A 4 16.47 8.77 -5.75
C GLY A 4 15.82 8.82 -4.37
N ALA A 5 15.90 9.98 -3.73
CA ALA A 5 15.33 10.16 -2.40
C ALA A 5 13.83 9.84 -2.39
N ILE A 6 13.10 10.40 -3.36
CA ILE A 6 11.67 10.18 -3.45
C ILE A 6 11.35 8.74 -3.84
N ILE A 7 12.26 8.12 -4.60
CA ILE A 7 12.06 6.74 -5.04
C ILE A 7 11.92 5.80 -3.84
N GLY A 8 12.54 6.18 -2.73
CA GLY A 8 12.47 5.37 -1.53
C GLY A 8 11.14 5.48 -0.82
N LEU A 9 10.41 6.56 -1.09
CA LEU A 9 9.10 6.79 -0.48
C LEU A 9 7.99 6.20 -1.35
N MET A 10 8.37 5.63 -2.49
CA MET A 10 7.41 5.03 -3.40
C MET A 10 6.79 3.77 -2.79
N VAL A 11 7.49 3.18 -1.83
CA VAL A 11 7.03 1.98 -1.17
C VAL A 11 5.75 2.23 -0.37
N GLY A 12 5.53 3.49 0.00
CA GLY A 12 4.34 3.85 0.75
C GLY A 12 3.08 3.80 -0.07
N GLY A 13 3.24 3.81 -1.40
CA GLY A 13 2.10 3.77 -2.28
C GLY A 13 1.73 2.35 -2.68
N VAL A 14 2.73 1.47 -2.72
CA VAL A 14 2.52 0.08 -3.09
C VAL A 14 2.13 -0.76 -1.88
N VAL A 15 2.61 -0.37 -0.70
CA VAL A 15 2.32 -1.09 0.52
C VAL A 15 0.83 -1.05 0.84
N ILE A 16 0.22 0.12 0.66
CA ILE A 16 -1.20 0.30 0.91
C ILE A 16 -2.03 -0.48 -0.10
N ALA A 17 -1.45 -0.73 -1.26
CA ALA A 17 -2.13 -1.47 -2.32
C ALA A 17 -1.97 -2.97 -2.12
N THR A 18 -0.93 -3.36 -1.39
CA THR A 18 -0.67 -4.77 -1.13
C THR A 18 -1.52 -5.29 0.03
N VAL A 19 -1.91 -4.37 0.92
CA VAL A 19 -2.74 -4.75 2.07
C VAL A 19 -4.21 -4.82 1.68
N THR A 20 -4.57 -4.07 0.64
CA THR A 20 -5.95 -4.05 0.16
C THR A 20 -6.27 -5.29 -0.67
N VAL A 21 -5.32 -5.69 -1.51
CA VAL A 21 -5.49 -6.85 -2.36
C VAL A 21 -5.64 -8.13 -1.53
N ILE A 22 -4.92 -8.20 -0.42
CA ILE A 22 -4.97 -9.37 0.45
C ILE A 22 -6.22 -9.35 1.34
N THR A 23 -6.48 -8.21 1.96
CA THR A 23 -7.64 -8.07 2.83
C THR A 23 -8.94 -8.31 2.07
N LEU A 24 -8.94 -7.99 0.78
CA LEU A 24 -10.12 -8.17 -0.06
C LEU A 24 -10.33 -9.64 -0.39
N VAL A 25 -9.27 -10.31 -0.84
CA VAL A 25 -9.35 -11.72 -1.19
C VAL A 25 -9.53 -12.59 0.04
N MET A 26 -9.13 -12.06 1.19
CA MET A 26 -9.25 -12.78 2.46
C MET A 26 -10.71 -13.01 2.82
N LEU A 27 -11.47 -11.92 2.91
CA LEU A 27 -12.89 -12.01 3.24
C LEU A 27 -13.69 -12.55 2.07
N LYS A 28 -13.11 -12.49 0.88
CA LYS A 28 -13.77 -12.97 -0.34
C LYS A 28 -14.14 -14.45 -0.21
N LYS A 29 -13.53 -15.13 0.75
CA LYS A 29 -13.80 -16.55 0.98
C LYS A 29 -15.29 -16.80 1.17
N LYS A 30 -16.01 -15.78 1.62
CA LYS A 30 -17.45 -15.89 1.84
C LYS A 30 -18.19 -16.18 0.53
N SER A 1 9.52 18.72 -9.62
CA SER A 1 10.92 19.22 -9.57
C SER A 1 11.91 18.07 -9.64
N ASN A 2 11.83 17.16 -8.68
CA ASN A 2 12.72 16.01 -8.63
C ASN A 2 11.97 14.71 -8.92
N LYS A 3 12.50 13.91 -9.83
CA LYS A 3 11.89 12.65 -10.21
C LYS A 3 12.51 11.48 -9.45
N GLY A 4 13.76 11.66 -9.02
CA GLY A 4 14.46 10.63 -8.28
C GLY A 4 14.08 10.61 -6.81
N ALA A 5 13.58 11.74 -6.31
CA ALA A 5 13.21 11.85 -4.90
C ALA A 5 11.85 11.20 -4.63
N ILE A 6 10.92 11.33 -5.59
CA ILE A 6 9.59 10.75 -5.44
C ILE A 6 9.65 9.23 -5.42
N ILE A 7 10.68 8.66 -6.05
CA ILE A 7 10.83 7.22 -6.10
C ILE A 7 10.86 6.61 -4.70
N GLY A 8 11.31 7.40 -3.73
CA GLY A 8 11.37 6.94 -2.35
C GLY A 8 10.01 6.87 -1.70
N LEU A 9 9.10 7.73 -2.14
CA LEU A 9 7.75 7.76 -1.58
C LEU A 9 6.82 6.83 -2.35
N MET A 10 7.38 6.15 -3.35
CA MET A 10 6.61 5.22 -4.17
C MET A 10 6.35 3.91 -3.43
N VAL A 11 7.32 3.51 -2.60
CA VAL A 11 7.20 2.28 -1.83
C VAL A 11 6.08 2.38 -0.79
N GLY A 12 5.75 3.60 -0.41
CA GLY A 12 4.69 3.82 0.57
C GLY A 12 3.31 3.80 -0.06
N GLY A 13 3.25 3.99 -1.37
CA GLY A 13 1.98 3.99 -2.06
C GLY A 13 1.58 2.61 -2.52
N VAL A 14 2.57 1.77 -2.81
CA VAL A 14 2.31 0.41 -3.26
C VAL A 14 2.13 -0.55 -2.09
N VAL A 15 2.81 -0.26 -0.98
CA VAL A 15 2.73 -1.09 0.21
C VAL A 15 1.32 -1.11 0.77
N ILE A 16 0.67 0.05 0.75
CA ILE A 16 -0.70 0.18 1.26
C ILE A 16 -1.69 -0.49 0.32
N ALA A 17 -1.45 -0.37 -0.98
CA ALA A 17 -2.32 -0.96 -1.98
C ALA A 17 -2.21 -2.48 -1.97
N THR A 18 -1.05 -2.99 -1.58
CA THR A 18 -0.83 -4.43 -1.52
C THR A 18 -1.72 -5.07 -0.46
N VAL A 19 -1.74 -4.48 0.73
CA VAL A 19 -2.55 -4.98 1.82
C VAL A 19 -4.03 -4.95 1.46
N THR A 20 -4.41 -3.98 0.65
CA THR A 20 -5.80 -3.83 0.21
C THR A 20 -6.24 -5.05 -0.58
N VAL A 21 -5.35 -5.55 -1.44
CA VAL A 21 -5.65 -6.72 -2.26
C VAL A 21 -5.77 -7.96 -1.39
N ILE A 22 -4.92 -8.07 -0.37
CA ILE A 22 -4.94 -9.21 0.53
C ILE A 22 -6.27 -9.29 1.28
N THR A 23 -6.77 -8.13 1.69
CA THR A 23 -8.03 -8.06 2.40
C THR A 23 -9.18 -8.53 1.52
N LEU A 24 -9.07 -8.28 0.21
CA LEU A 24 -10.09 -8.69 -0.73
C LEU A 24 -10.17 -10.21 -0.83
N VAL A 25 -9.03 -10.86 -0.57
CA VAL A 25 -8.96 -12.32 -0.62
C VAL A 25 -9.60 -12.93 0.62
N MET A 26 -9.54 -12.20 1.74
CA MET A 26 -10.12 -12.67 2.98
C MET A 26 -11.64 -12.73 2.90
N LEU A 27 -12.24 -11.73 2.26
CA LEU A 27 -13.69 -11.67 2.11
C LEU A 27 -14.15 -12.52 0.94
N LYS A 28 -13.22 -12.85 0.04
CA LYS A 28 -13.53 -13.67 -1.12
C LYS A 28 -14.01 -15.05 -0.70
N LYS A 29 -13.72 -15.43 0.55
CA LYS A 29 -14.12 -16.73 1.08
C LYS A 29 -15.63 -16.87 1.10
N LYS A 30 -16.33 -15.76 0.91
CA LYS A 30 -17.79 -15.77 0.90
C LYS A 30 -18.33 -16.48 -0.34
N SER A 1 21.99 1.25 7.07
CA SER A 1 20.82 2.12 6.78
C SER A 1 21.26 3.50 6.32
N ASN A 2 21.36 3.68 5.00
CA ASN A 2 21.78 4.96 4.44
C ASN A 2 21.07 5.23 3.11
N LYS A 3 21.23 4.31 2.16
CA LYS A 3 20.61 4.45 0.85
C LYS A 3 19.23 3.80 0.83
N GLY A 4 19.08 2.71 1.57
CA GLY A 4 17.81 2.01 1.62
C GLY A 4 16.83 2.65 2.58
N ALA A 5 17.35 3.41 3.55
CA ALA A 5 16.53 4.07 4.54
C ALA A 5 15.48 4.97 3.88
N ILE A 6 15.88 5.65 2.81
CA ILE A 6 14.97 6.56 2.10
C ILE A 6 14.03 5.77 1.18
N ILE A 7 14.52 4.65 0.65
CA ILE A 7 13.72 3.81 -0.24
C ILE A 7 12.44 3.35 0.45
N GLY A 8 12.46 3.34 1.78
CA GLY A 8 11.30 2.91 2.54
C GLY A 8 10.10 3.81 2.31
N LEU A 9 10.35 5.09 2.01
CA LEU A 9 9.29 6.04 1.77
C LEU A 9 8.57 5.72 0.46
N MET A 10 9.23 4.94 -0.39
CA MET A 10 8.67 4.55 -1.68
C MET A 10 7.76 3.34 -1.52
N VAL A 11 8.25 2.32 -0.84
CA VAL A 11 7.48 1.10 -0.62
C VAL A 11 6.28 1.37 0.27
N GLY A 12 6.32 2.49 0.99
CA GLY A 12 5.23 2.85 1.89
C GLY A 12 3.97 3.22 1.13
N GLY A 13 4.13 3.55 -0.15
CA GLY A 13 2.99 3.92 -0.96
C GLY A 13 2.37 2.73 -1.66
N VAL A 14 3.20 1.74 -1.98
CA VAL A 14 2.73 0.54 -2.66
C VAL A 14 2.24 -0.51 -1.65
N VAL A 15 2.81 -0.47 -0.45
CA VAL A 15 2.43 -1.42 0.59
C VAL A 15 0.98 -1.24 0.99
N ILE A 16 0.54 0.01 1.10
CA ILE A 16 -0.84 0.31 1.46
C ILE A 16 -1.81 -0.35 0.49
N ALA A 17 -1.43 -0.39 -0.78
CA ALA A 17 -2.25 -1.00 -1.82
C ALA A 17 -2.03 -2.50 -1.87
N THR A 18 -0.88 -2.94 -1.39
CA THR A 18 -0.54 -4.36 -1.38
C THR A 18 -1.46 -5.13 -0.44
N VAL A 19 -1.71 -4.55 0.73
CA VAL A 19 -2.56 -5.18 1.73
C VAL A 19 -4.03 -5.08 1.31
N THR A 20 -4.33 -4.11 0.45
CA THR A 20 -5.69 -3.91 -0.04
C THR A 20 -6.19 -5.13 -0.82
N VAL A 21 -5.43 -5.51 -1.84
CA VAL A 21 -5.79 -6.66 -2.67
C VAL A 21 -5.88 -7.93 -1.84
N ILE A 22 -5.09 -7.99 -0.77
CA ILE A 22 -5.07 -9.16 0.12
C ILE A 22 -6.33 -9.19 0.98
N THR A 23 -6.80 -8.01 1.37
CA THR A 23 -8.00 -7.89 2.20
C THR A 23 -9.22 -8.45 1.47
N LEU A 24 -9.24 -8.25 0.15
CA LEU A 24 -10.35 -8.73 -0.67
C LEU A 24 -10.43 -10.24 -0.64
N VAL A 25 -9.27 -10.89 -0.50
CA VAL A 25 -9.20 -12.34 -0.45
C VAL A 25 -9.34 -12.84 0.99
N MET A 26 -9.12 -11.95 1.96
CA MET A 26 -9.23 -12.30 3.36
C MET A 26 -10.68 -12.57 3.77
N LEU A 27 -11.60 -11.81 3.21
CA LEU A 27 -13.01 -11.96 3.52
C LEU A 27 -13.52 -13.34 3.10
N LYS A 28 -12.99 -13.86 2.00
CA LYS A 28 -13.39 -15.18 1.51
C LYS A 28 -12.56 -16.28 2.15
N LYS A 29 -11.44 -15.88 2.77
CA LYS A 29 -10.55 -16.84 3.44
C LYS A 29 -11.25 -17.48 4.62
N LYS A 30 -12.31 -16.84 5.11
CA LYS A 30 -13.07 -17.37 6.23
C LYS A 30 -13.57 -18.78 5.96
N SER A 1 19.03 18.01 0.25
CA SER A 1 18.15 16.86 -0.06
C SER A 1 16.68 17.31 -0.08
N ASN A 2 16.25 17.86 -1.21
CA ASN A 2 14.88 18.32 -1.36
C ASN A 2 14.09 17.41 -2.30
N LYS A 3 14.53 16.15 -2.40
CA LYS A 3 13.87 15.19 -3.26
C LYS A 3 13.54 13.91 -2.49
N GLY A 4 14.43 13.53 -1.58
CA GLY A 4 14.22 12.34 -0.79
C GLY A 4 13.00 12.43 0.10
N ALA A 5 12.58 13.66 0.40
CA ALA A 5 11.43 13.90 1.26
C ALA A 5 10.19 13.17 0.76
N ILE A 6 9.97 13.20 -0.55
CA ILE A 6 8.81 12.54 -1.15
C ILE A 6 9.08 11.06 -1.42
N ILE A 7 10.35 10.72 -1.62
CA ILE A 7 10.74 9.33 -1.88
C ILE A 7 10.30 8.42 -0.73
N GLY A 8 10.22 8.98 0.47
CA GLY A 8 9.81 8.20 1.62
C GLY A 8 8.34 7.84 1.58
N LEU A 9 7.56 8.61 0.82
CA LEU A 9 6.13 8.37 0.70
C LEU A 9 5.84 7.36 -0.41
N MET A 10 6.88 6.95 -1.11
CA MET A 10 6.75 5.99 -2.20
C MET A 10 6.49 4.58 -1.66
N VAL A 11 7.31 4.18 -0.68
CA VAL A 11 7.17 2.86 -0.08
C VAL A 11 5.89 2.75 0.73
N GLY A 12 5.46 3.87 1.32
CA GLY A 12 4.25 3.87 2.11
C GLY A 12 2.99 3.81 1.26
N GLY A 13 3.15 4.06 -0.03
CA GLY A 13 2.00 4.03 -0.93
C GLY A 13 1.81 2.67 -1.57
N VAL A 14 2.90 1.91 -1.69
CA VAL A 14 2.84 0.59 -2.29
C VAL A 14 2.45 -0.48 -1.26
N VAL A 15 2.87 -0.27 -0.02
CA VAL A 15 2.56 -1.21 1.06
C VAL A 15 1.07 -1.24 1.35
N ILE A 16 0.44 -0.07 1.35
CA ILE A 16 -0.98 0.03 1.62
C ILE A 16 -1.82 -0.43 0.42
N ALA A 17 -1.23 -0.31 -0.77
CA ALA A 17 -1.90 -0.71 -2.00
C ALA A 17 -1.83 -2.22 -2.20
N THR A 18 -0.78 -2.84 -1.65
CA THR A 18 -0.60 -4.28 -1.78
C THR A 18 -1.47 -5.04 -0.78
N VAL A 19 -1.62 -4.49 0.42
CA VAL A 19 -2.43 -5.11 1.46
C VAL A 19 -3.92 -5.03 1.12
N THR A 20 -4.28 -4.05 0.30
CA THR A 20 -5.67 -3.85 -0.09
C THR A 20 -6.23 -5.10 -0.78
N VAL A 21 -5.56 -5.54 -1.83
CA VAL A 21 -5.98 -6.71 -2.59
C VAL A 21 -6.04 -7.94 -1.68
N ILE A 22 -5.11 -8.04 -0.74
CA ILE A 22 -5.06 -9.16 0.19
C ILE A 22 -6.32 -9.21 1.06
N THR A 23 -6.83 -8.03 1.41
CA THR A 23 -8.02 -7.93 2.25
C THR A 23 -9.22 -8.56 1.55
N LEU A 24 -9.35 -8.30 0.25
CA LEU A 24 -10.46 -8.85 -0.53
C LEU A 24 -10.39 -10.37 -0.59
N VAL A 25 -9.19 -10.92 -0.38
CA VAL A 25 -9.00 -12.37 -0.41
C VAL A 25 -9.39 -12.99 0.93
N MET A 26 -9.31 -12.20 1.98
CA MET A 26 -9.64 -12.68 3.33
C MET A 26 -11.16 -12.76 3.51
N LEU A 27 -11.85 -11.67 3.20
CA LEU A 27 -13.30 -11.63 3.34
C LEU A 27 -13.98 -12.58 2.36
N LYS A 28 -13.24 -12.98 1.33
CA LYS A 28 -13.77 -13.90 0.33
C LYS A 28 -13.60 -15.35 0.76
N LYS A 29 -12.70 -15.57 1.72
CA LYS A 29 -12.44 -16.91 2.23
C LYS A 29 -13.70 -17.50 2.87
N LYS A 30 -14.59 -16.61 3.31
CA LYS A 30 -15.83 -17.03 3.95
C LYS A 30 -16.67 -17.89 3.00
N SER A 1 1.84 22.95 2.97
CA SER A 1 2.19 21.81 2.09
C SER A 1 3.24 22.22 1.07
N ASN A 2 4.03 21.25 0.63
CA ASN A 2 5.08 21.51 -0.36
C ASN A 2 5.17 20.37 -1.38
N LYS A 3 6.18 20.42 -2.24
CA LYS A 3 6.37 19.40 -3.26
C LYS A 3 6.63 18.03 -2.62
N GLY A 4 7.35 18.03 -1.51
CA GLY A 4 7.66 16.79 -0.82
C GLY A 4 6.47 16.23 -0.07
N ALA A 5 5.52 17.10 0.25
CA ALA A 5 4.31 16.69 0.97
C ALA A 5 3.58 15.56 0.25
N ILE A 6 3.44 15.69 -1.06
CA ILE A 6 2.74 14.69 -1.86
C ILE A 6 3.60 13.44 -2.06
N ILE A 7 4.92 13.62 -2.08
CA ILE A 7 5.83 12.51 -2.28
C ILE A 7 5.60 11.44 -1.21
N GLY A 8 5.13 11.87 -0.05
CA GLY A 8 4.86 10.94 1.04
C GLY A 8 3.66 10.06 0.76
N LEU A 9 2.70 10.59 0.01
CA LEU A 9 1.50 9.84 -0.33
C LEU A 9 1.74 8.95 -1.53
N MET A 10 2.92 9.09 -2.13
CA MET A 10 3.29 8.30 -3.30
C MET A 10 3.73 6.90 -2.88
N VAL A 11 4.75 6.83 -2.03
CA VAL A 11 5.26 5.56 -1.55
C VAL A 11 4.34 4.96 -0.49
N GLY A 12 3.53 5.81 0.14
CA GLY A 12 2.61 5.36 1.16
C GLY A 12 1.33 4.81 0.58
N GLY A 13 1.09 5.10 -0.69
CA GLY A 13 -0.12 4.63 -1.35
C GLY A 13 0.05 3.28 -2.01
N VAL A 14 1.30 2.94 -2.34
CA VAL A 14 1.60 1.66 -2.98
C VAL A 14 1.67 0.54 -1.95
N VAL A 15 2.14 0.85 -0.75
CA VAL A 15 2.26 -0.14 0.31
C VAL A 15 0.88 -0.55 0.82
N ILE A 16 0.03 0.44 1.11
CA ILE A 16 -1.31 0.18 1.60
C ILE A 16 -2.12 -0.60 0.56
N ALA A 17 -1.88 -0.31 -0.71
CA ALA A 17 -2.57 -0.99 -1.80
C ALA A 17 -2.15 -2.45 -1.89
N THR A 18 -0.91 -2.72 -1.49
CA THR A 18 -0.38 -4.07 -1.53
C THR A 18 -1.13 -4.98 -0.56
N VAL A 19 -1.57 -4.41 0.56
CA VAL A 19 -2.31 -5.16 1.57
C VAL A 19 -3.79 -5.23 1.20
N THR A 20 -4.25 -4.24 0.44
CA THR A 20 -5.65 -4.18 0.02
C THR A 20 -6.06 -5.44 -0.75
N VAL A 21 -5.26 -5.81 -1.73
CA VAL A 21 -5.54 -6.99 -2.54
C VAL A 21 -5.63 -8.25 -1.69
N ILE A 22 -4.87 -8.27 -0.60
CA ILE A 22 -4.87 -9.42 0.31
C ILE A 22 -6.09 -9.40 1.23
N THR A 23 -6.63 -8.20 1.46
CA THR A 23 -7.79 -8.04 2.32
C THR A 23 -9.08 -8.37 1.57
N LEU A 24 -9.07 -8.14 0.26
CA LEU A 24 -10.23 -8.42 -0.58
C LEU A 24 -10.47 -9.92 -0.71
N VAL A 25 -9.39 -10.70 -0.64
CA VAL A 25 -9.48 -12.15 -0.76
C VAL A 25 -9.74 -12.80 0.60
N MET A 26 -9.41 -12.08 1.67
CA MET A 26 -9.60 -12.60 3.02
C MET A 26 -11.06 -12.56 3.44
N LEU A 27 -11.79 -11.55 2.93
CA LEU A 27 -13.20 -11.40 3.27
C LEU A 27 -14.08 -12.22 2.33
N LYS A 28 -13.52 -12.61 1.20
CA LYS A 28 -14.26 -13.40 0.21
C LYS A 28 -14.41 -14.85 0.68
N LYS A 29 -13.59 -15.23 1.66
CA LYS A 29 -13.64 -16.59 2.20
C LYS A 29 -15.00 -16.87 2.84
N LYS A 30 -15.74 -15.81 3.12
CA LYS A 30 -17.06 -15.93 3.73
C LYS A 30 -18.09 -16.40 2.72
N SER A 1 -2.75 20.09 3.97
CA SER A 1 -2.17 18.90 3.29
C SER A 1 -2.61 18.84 1.83
N ASN A 2 -1.77 19.33 0.93
CA ASN A 2 -2.06 19.33 -0.49
C ASN A 2 -0.82 19.67 -1.31
N LYS A 3 -0.78 19.14 -2.53
CA LYS A 3 0.35 19.38 -3.45
C LYS A 3 1.62 18.69 -2.94
N GLY A 4 2.21 19.27 -1.90
CA GLY A 4 3.43 18.71 -1.33
C GLY A 4 3.17 17.55 -0.39
N ALA A 5 1.95 17.49 0.14
CA ALA A 5 1.57 16.43 1.07
C ALA A 5 1.50 15.08 0.38
N ILE A 6 0.87 15.04 -0.78
CA ILE A 6 0.73 13.80 -1.55
C ILE A 6 2.10 13.23 -1.93
N ILE A 7 3.10 14.09 -1.99
CA ILE A 7 4.44 13.67 -2.36
C ILE A 7 4.92 12.51 -1.47
N GLY A 8 4.56 12.59 -0.19
CA GLY A 8 4.95 11.54 0.74
C GLY A 8 4.03 10.34 0.68
N LEU A 9 2.82 10.54 0.16
CA LEU A 9 1.84 9.47 0.07
C LEU A 9 2.12 8.60 -1.16
N MET A 10 3.18 8.92 -1.89
CA MET A 10 3.55 8.17 -3.08
C MET A 10 4.01 6.76 -2.70
N VAL A 11 4.98 6.68 -1.79
CA VAL A 11 5.50 5.40 -1.35
C VAL A 11 4.59 4.77 -0.30
N GLY A 12 3.82 5.60 0.39
CA GLY A 12 2.91 5.11 1.41
C GLY A 12 1.59 4.64 0.83
N GLY A 13 1.34 5.01 -0.42
CA GLY A 13 0.11 4.62 -1.08
C GLY A 13 0.22 3.29 -1.80
N VAL A 14 1.45 2.89 -2.10
CA VAL A 14 1.69 1.61 -2.78
C VAL A 14 1.73 0.46 -1.80
N VAL A 15 2.19 0.74 -0.58
CA VAL A 15 2.27 -0.28 0.46
C VAL A 15 0.89 -0.68 0.96
N ILE A 16 0.07 0.32 1.26
CA ILE A 16 -1.29 0.08 1.74
C ILE A 16 -2.16 -0.49 0.63
N ALA A 17 -1.76 -0.26 -0.62
CA ALA A 17 -2.50 -0.76 -1.77
C ALA A 17 -2.21 -2.24 -2.01
N THR A 18 -0.98 -2.66 -1.70
CA THR A 18 -0.58 -4.04 -1.88
C THR A 18 -1.31 -4.96 -0.90
N VAL A 19 -1.44 -4.50 0.34
CA VAL A 19 -2.13 -5.27 1.37
C VAL A 19 -3.63 -5.31 1.09
N THR A 20 -4.11 -4.36 0.31
CA THR A 20 -5.52 -4.28 -0.04
C THR A 20 -5.99 -5.58 -0.67
N VAL A 21 -5.22 -6.08 -1.64
CA VAL A 21 -5.54 -7.31 -2.32
C VAL A 21 -5.64 -8.46 -1.32
N ILE A 22 -4.70 -8.52 -0.39
CA ILE A 22 -4.69 -9.55 0.63
C ILE A 22 -5.91 -9.45 1.53
N THR A 23 -6.49 -8.26 1.57
CA THR A 23 -7.68 -8.01 2.38
C THR A 23 -8.95 -8.27 1.57
N LEU A 24 -8.83 -8.19 0.25
CA LEU A 24 -9.96 -8.42 -0.65
C LEU A 24 -10.30 -9.90 -0.74
N VAL A 25 -9.29 -10.76 -0.59
CA VAL A 25 -9.49 -12.20 -0.66
C VAL A 25 -10.19 -12.70 0.59
N MET A 26 -10.09 -11.95 1.68
CA MET A 26 -10.71 -12.31 2.95
C MET A 26 -12.21 -12.02 2.92
N LEU A 27 -12.58 -10.92 2.28
CA LEU A 27 -13.98 -10.53 2.20
C LEU A 27 -14.68 -11.24 1.04
N LYS A 28 -13.89 -11.76 0.11
CA LYS A 28 -14.42 -12.47 -1.05
C LYS A 28 -15.11 -13.77 -0.63
N LYS A 29 -14.87 -14.18 0.61
CA LYS A 29 -15.46 -15.41 1.15
C LYS A 29 -16.98 -15.42 1.00
N LYS A 30 -17.56 -14.25 0.73
CA LYS A 30 -19.01 -14.14 0.57
C LYS A 30 -19.52 -15.15 -0.45
#